data_7WMQ
#
_entry.id   7WMQ
#
_cell.length_a   90.080
_cell.length_b   95.080
_cell.length_c   110.400
_cell.angle_alpha   90.000
_cell.angle_beta   90.000
_cell.angle_gamma   90.000
#
_symmetry.space_group_name_H-M   'P 21 21 21'
#
loop_
_entity.id
_entity.type
_entity.pdbx_description
1 polymer 'Isoform 4 of Bromodomain-containing protein 2'
2 non-polymer 2-(2-cyclobutyl-1~{H}-imidazol-5-yl)-7-[2-(4-fluoranyl-2,6-dimethyl-phenoxy)-5-(2-oxidanylpropan-2-yl)phenyl]-5-methyl-furo[3,2-c]pyridin-4-one
3 non-polymer GLYCEROL
4 non-polymer 'FORMIC ACID'
5 water water
#
_entity_poly.entity_id   1
_entity_poly.type   'polypeptide(L)'
_entity_poly.pdbx_seq_one_letter_code
;EGDIHMKKGHHHHHHENLYFQGGSGKLSEQLKHCNGILKELLSKKHAAYAWPFYKPVDASALGLHDYHDIIKHPMDLSTV
KRKMENRDYRDAQEFAADVRLMFSNCYKYNPPDHDVVAMARKLQDVFEFRYAKMPD
;
_entity_poly.pdbx_strand_id   A,B,C,D
#
loop_
_chem_comp.id
_chem_comp.type
_chem_comp.name
_chem_comp.formula
FMT non-polymer 'FORMIC ACID' 'C H2 O2'
GOL non-polymer GLYCEROL 'C3 H8 O3'
JFL non-polymer 2-(2-cyclobutyl-1~{H}-imidazol-5-yl)-7-[2-(4-fluoranyl-2,6-dimethyl-phenoxy)-5-(2-oxidanylpropan-2-yl)phenyl]-5-methyl-furo[3,2-c]pyridin-4-one 'C32 H32 F N3 O4'
#
# COMPACT_ATOMS: atom_id res chain seq x y z
N LEU A 27 7.49 -14.94 12.58
CA LEU A 27 8.83 -14.59 13.14
C LEU A 27 9.47 -13.37 12.41
N SER A 28 10.15 -12.54 13.19
CA SER A 28 11.01 -11.49 12.66
C SER A 28 12.21 -12.08 11.93
N GLU A 29 12.66 -13.27 12.36
CA GLU A 29 13.79 -13.92 11.68
CA GLU A 29 13.76 -14.00 11.69
C GLU A 29 13.43 -14.29 10.23
N GLN A 30 12.18 -14.68 9.97
CA GLN A 30 11.74 -14.94 8.60
C GLN A 30 11.71 -13.67 7.76
N LEU A 31 11.20 -12.57 8.35
CA LEU A 31 11.14 -11.28 7.65
C LEU A 31 12.51 -10.65 7.46
N LYS A 32 13.44 -10.91 8.37
CA LYS A 32 14.84 -10.54 8.19
C LYS A 32 15.42 -11.19 6.92
N HIS A 33 15.15 -12.49 6.73
CA HIS A 33 15.70 -13.19 5.57
CA HIS A 33 15.66 -13.24 5.56
C HIS A 33 15.00 -12.73 4.28
N CYS A 34 13.72 -12.38 4.36
CA CYS A 34 13.01 -11.73 3.24
C CYS A 34 13.63 -10.38 2.87
N ASN A 35 14.06 -9.63 3.87
CA ASN A 35 14.76 -8.37 3.65
C ASN A 35 16.11 -8.58 2.90
N GLY A 36 16.84 -9.62 3.31
CA GLY A 36 18.04 -10.05 2.59
C GLY A 36 17.76 -10.40 1.12
N ILE A 37 16.65 -11.10 0.88
CA ILE A 37 16.20 -11.45 -0.47
C ILE A 37 15.93 -10.18 -1.27
N LEU A 38 15.23 -9.24 -0.64
CA LEU A 38 14.91 -7.99 -1.27
C LEU A 38 16.18 -7.21 -1.62
N LYS A 39 17.11 -7.13 -0.68
CA LYS A 39 18.40 -6.50 -0.95
C LYS A 39 19.10 -7.16 -2.15
N GLU A 40 19.10 -8.48 -2.20
CA GLU A 40 19.70 -9.21 -3.31
C GLU A 40 19.06 -8.85 -4.65
N LEU A 41 17.72 -8.81 -4.68
CA LEU A 41 16.99 -8.45 -5.89
C LEU A 41 17.25 -7.00 -6.35
N LEU A 42 17.57 -6.11 -5.41
CA LEU A 42 17.91 -4.72 -5.72
C LEU A 42 19.40 -4.47 -6.00
N SER A 43 20.25 -5.48 -5.83
CA SER A 43 21.70 -5.29 -5.95
C SER A 43 22.17 -5.18 -7.39
N LYS A 44 23.36 -4.60 -7.55
CA LYS A 44 23.90 -4.32 -8.90
C LYS A 44 24.10 -5.55 -9.76
N LYS A 45 24.48 -6.68 -9.18
CA LYS A 45 24.73 -7.87 -9.97
C LYS A 45 23.53 -8.30 -10.82
N HIS A 46 22.30 -8.01 -10.39
CA HIS A 46 21.09 -8.36 -11.16
C HIS A 46 20.46 -7.19 -11.92
N ALA A 47 21.15 -6.06 -11.99
CA ALA A 47 20.57 -4.84 -12.53
C ALA A 47 20.12 -4.96 -14.00
N ALA A 48 20.84 -5.76 -14.78
CA ALA A 48 20.55 -5.93 -16.21
C ALA A 48 19.16 -6.51 -16.53
N TYR A 49 18.59 -7.26 -15.59
CA TYR A 49 17.22 -7.79 -15.75
C TYR A 49 16.24 -7.32 -14.66
N ALA A 50 16.74 -6.71 -13.58
CA ALA A 50 15.89 -6.24 -12.51
C ALA A 50 15.41 -4.80 -12.67
N TRP A 51 16.11 -3.96 -13.45
CA TRP A 51 15.77 -2.54 -13.53
C TRP A 51 14.29 -2.26 -13.88
N PRO A 52 13.64 -3.07 -14.76
CA PRO A 52 12.25 -2.78 -15.07
C PRO A 52 11.29 -2.95 -13.91
N PHE A 53 11.73 -3.59 -12.83
CA PHE A 53 10.90 -3.82 -11.65
C PHE A 53 11.24 -2.93 -10.44
N TYR A 54 12.18 -1.99 -10.60
CA TYR A 54 12.58 -1.11 -9.49
C TYR A 54 11.51 -0.10 -9.10
N LYS A 55 10.78 0.41 -10.07
CA LYS A 55 9.74 1.40 -9.87
C LYS A 55 8.51 0.94 -10.63
N PRO A 56 7.32 1.50 -10.29
CA PRO A 56 6.11 1.13 -11.03
C PRO A 56 6.27 1.40 -12.51
N VAL A 57 5.59 0.60 -13.31
CA VAL A 57 5.57 0.80 -14.74
C VAL A 57 5.02 2.20 -14.99
N ASP A 58 5.80 3.03 -15.70
CA ASP A 58 5.36 4.35 -16.10
C ASP A 58 4.58 4.19 -17.40
N ALA A 59 3.30 3.88 -17.26
CA ALA A 59 2.47 3.52 -18.42
C ALA A 59 2.29 4.65 -19.43
N SER A 60 2.18 5.88 -18.97
CA SER A 60 1.98 7.03 -19.88
C SER A 60 3.26 7.38 -20.66
N ALA A 61 4.43 7.30 -20.03
CA ALA A 61 5.70 7.42 -20.76
C ALA A 61 5.82 6.37 -21.90
N LEU A 62 5.41 5.13 -21.62
CA LEU A 62 5.51 4.04 -22.60
C LEU A 62 4.44 4.06 -23.69
N GLY A 63 3.39 4.85 -23.48
CA GLY A 63 2.27 4.91 -24.41
C GLY A 63 1.21 3.84 -24.19
N LEU A 64 1.18 3.25 -23.00
CA LEU A 64 0.28 2.14 -22.69
C LEU A 64 -1.01 2.66 -22.10
N HIS A 65 -2.00 2.86 -22.97
CA HIS A 65 -3.33 3.37 -22.57
C HIS A 65 -4.16 2.36 -21.76
N ASP A 66 -3.81 1.08 -21.80
CA ASP A 66 -4.61 0.01 -21.18
C ASP A 66 -3.94 -0.71 -20.00
N TYR A 67 -2.82 -0.19 -19.50
CA TYR A 67 -2.07 -0.90 -18.47
C TYR A 67 -2.86 -1.05 -17.17
N HIS A 68 -3.41 0.06 -16.66
CA HIS A 68 -4.19 0.02 -15.42
C HIS A 68 -5.59 -0.60 -15.59
N ASP A 69 -6.11 -0.71 -16.81
CA ASP A 69 -7.33 -1.49 -17.08
C ASP A 69 -7.09 -3.00 -16.88
N ILE A 70 -5.95 -3.48 -17.37
CA ILE A 70 -5.63 -4.90 -17.36
C ILE A 70 -4.96 -5.34 -16.05
N ILE A 71 -4.06 -4.50 -15.53
CA ILE A 71 -3.38 -4.78 -14.26
C ILE A 71 -4.02 -3.94 -13.16
N LYS A 72 -4.90 -4.58 -12.38
CA LYS A 72 -5.70 -3.90 -11.36
C LYS A 72 -4.90 -3.56 -10.12
N HIS A 73 -3.90 -4.39 -9.82
CA HIS A 73 -3.06 -4.22 -8.63
C HIS A 73 -1.58 -4.29 -9.03
N PRO A 74 -1.04 -3.14 -9.47
CA PRO A 74 0.38 -3.03 -9.79
C PRO A 74 1.27 -3.30 -8.60
N MET A 75 2.46 -3.82 -8.86
CA MET A 75 3.43 -4.08 -7.81
C MET A 75 4.83 -4.02 -8.41
N ASP A 76 5.78 -3.58 -7.59
CA ASP A 76 7.16 -3.38 -8.01
C ASP A 76 8.05 -3.42 -6.78
N LEU A 77 9.36 -3.51 -6.98
CA LEU A 77 10.28 -3.67 -5.85
C LEU A 77 10.33 -2.48 -4.87
N SER A 78 10.16 -1.24 -5.36
CA SER A 78 10.14 -0.09 -4.44
C SER A 78 8.96 -0.13 -3.49
N THR A 79 7.80 -0.59 -3.99
CA THR A 79 6.61 -0.75 -3.16
C THR A 79 6.83 -1.84 -2.10
N VAL A 80 7.49 -2.93 -2.49
CA VAL A 80 7.77 -4.05 -1.57
C VAL A 80 8.74 -3.58 -0.49
N LYS A 81 9.74 -2.79 -0.91
CA LYS A 81 10.68 -2.10 0.00
C LYS A 81 9.94 -1.30 1.07
N ARG A 82 9.06 -0.42 0.60
CA ARG A 82 8.32 0.49 1.47
C ARG A 82 7.50 -0.30 2.46
N LYS A 83 6.80 -1.32 1.96
CA LYS A 83 5.99 -2.17 2.80
C LYS A 83 6.82 -2.94 3.84
N MET A 84 8.02 -3.36 3.45
CA MET A 84 8.92 -4.01 4.38
C MET A 84 9.41 -3.04 5.47
N GLU A 85 9.86 -1.86 5.07
CA GLU A 85 10.26 -0.82 6.03
C GLU A 85 9.09 -0.39 6.95
N ASN A 86 7.87 -0.31 6.40
CA ASN A 86 6.67 0.01 7.18
C ASN A 86 6.20 -1.11 8.10
N ARG A 87 6.76 -2.31 7.93
CA ARG A 87 6.37 -3.52 8.66
C ARG A 87 4.93 -3.94 8.35
N ASP A 88 4.56 -3.83 7.08
CA ASP A 88 3.22 -4.20 6.61
C ASP A 88 3.06 -5.71 6.42
N TYR A 89 4.16 -6.46 6.33
CA TYR A 89 4.07 -7.90 6.09
C TYR A 89 3.99 -8.66 7.40
N ARG A 90 2.91 -9.41 7.61
CA ARG A 90 2.80 -10.28 8.80
C ARG A 90 3.83 -11.41 8.78
N ASP A 91 4.05 -12.00 7.60
CA ASP A 91 4.94 -13.16 7.44
C ASP A 91 5.57 -13.23 6.05
N ALA A 92 6.49 -14.18 5.88
CA ALA A 92 7.17 -14.41 4.61
C ALA A 92 6.23 -14.72 3.43
N GLN A 93 5.09 -15.35 3.72
CA GLN A 93 4.10 -15.71 2.68
C GLN A 93 3.49 -14.46 2.02
N GLU A 94 3.27 -13.41 2.80
CA GLU A 94 2.75 -12.15 2.26
C GLU A 94 3.77 -11.43 1.37
N PHE A 95 5.02 -11.41 1.83
CA PHE A 95 6.16 -10.90 1.07
C PHE A 95 6.22 -11.60 -0.29
N ALA A 96 6.16 -12.92 -0.26
CA ALA A 96 6.26 -13.71 -1.50
C ALA A 96 5.08 -13.49 -2.44
N ALA A 97 3.88 -13.32 -1.88
CA ALA A 97 2.68 -13.05 -2.67
C ALA A 97 2.78 -11.72 -3.45
N ASP A 98 3.38 -10.70 -2.85
CA ASP A 98 3.64 -9.44 -3.57
C ASP A 98 4.72 -9.57 -4.64
N VAL A 99 5.81 -10.25 -4.33
CA VAL A 99 6.87 -10.45 -5.31
C VAL A 99 6.36 -11.24 -6.50
N ARG A 100 5.54 -12.25 -6.25
CA ARG A 100 4.93 -13.03 -7.33
C ARG A 100 3.84 -12.28 -8.05
N LEU A 101 3.13 -11.40 -7.34
CA LEU A 101 2.16 -10.51 -7.99
C LEU A 101 2.85 -9.64 -9.05
N MET A 102 4.02 -9.11 -8.67
CA MET A 102 4.85 -8.33 -9.59
C MET A 102 5.21 -9.09 -10.88
N PHE A 103 5.65 -10.33 -10.74
CA PHE A 103 6.03 -11.12 -11.92
C PHE A 103 4.80 -11.50 -12.72
N SER A 104 3.72 -11.89 -12.03
CA SER A 104 2.46 -12.25 -12.67
C SER A 104 1.85 -11.12 -13.48
N ASN A 105 1.91 -9.89 -12.95
CA ASN A 105 1.42 -8.73 -13.68
C ASN A 105 2.14 -8.60 -15.01
N CYS A 106 3.47 -8.75 -14.95
CA CYS A 106 4.30 -8.68 -16.13
C CYS A 106 3.94 -9.76 -17.15
N TYR A 107 3.77 -11.01 -16.68
CA TYR A 107 3.39 -12.11 -17.58
C TYR A 107 2.01 -11.88 -18.13
N LYS A 108 1.10 -11.38 -17.31
CA LYS A 108 -0.27 -11.16 -17.72
C LYS A 108 -0.40 -10.10 -18.79
N TYR A 109 0.26 -8.96 -18.62
CA TYR A 109 0.16 -7.87 -19.58
C TYR A 109 0.81 -8.19 -20.92
N ASN A 110 1.94 -8.89 -20.91
CA ASN A 110 2.81 -8.99 -22.08
C ASN A 110 2.72 -10.28 -22.90
N PRO A 111 3.04 -10.19 -24.21
CA PRO A 111 3.24 -11.41 -24.99
C PRO A 111 4.56 -12.09 -24.59
N PRO A 112 4.69 -13.39 -24.85
CA PRO A 112 5.87 -14.14 -24.36
C PRO A 112 7.22 -13.75 -24.98
N ASP A 113 7.21 -13.13 -26.16
CA ASP A 113 8.45 -12.72 -26.86
C ASP A 113 9.02 -11.35 -26.43
N HIS A 114 8.33 -10.60 -25.57
CA HIS A 114 8.81 -9.28 -25.16
C HIS A 114 10.01 -9.40 -24.20
N ASP A 115 11.01 -8.53 -24.38
CA ASP A 115 12.22 -8.50 -23.54
C ASP A 115 11.93 -8.48 -22.04
N VAL A 116 10.95 -7.70 -21.61
CA VAL A 116 10.62 -7.62 -20.18
C VAL A 116 10.21 -8.96 -19.56
N VAL A 117 9.57 -9.82 -20.35
CA VAL A 117 9.17 -11.16 -19.87
C VAL A 117 10.40 -12.02 -19.59
N ALA A 118 11.35 -11.99 -20.53
CA ALA A 118 12.64 -12.66 -20.37
C ALA A 118 13.37 -12.16 -19.13
N MET A 119 13.28 -10.87 -18.86
CA MET A 119 13.94 -10.30 -17.69
C MET A 119 13.24 -10.69 -16.38
N ALA A 120 11.91 -10.64 -16.40
CA ALA A 120 11.11 -11.13 -15.28
C ALA A 120 11.50 -12.56 -14.89
N ARG A 121 11.64 -13.42 -15.89
CA ARG A 121 11.95 -14.82 -15.65
C ARG A 121 13.32 -15.01 -15.06
N LYS A 122 14.29 -14.23 -15.51
CA LYS A 122 15.61 -14.26 -14.92
C LYS A 122 15.60 -13.83 -13.45
N LEU A 123 14.88 -12.76 -13.15
CA LEU A 123 14.80 -12.24 -11.78
C LEU A 123 13.97 -13.18 -10.89
N GLN A 124 12.87 -13.71 -11.42
CA GLN A 124 12.07 -14.64 -10.64
C GLN A 124 12.89 -15.89 -10.27
N ASP A 125 13.80 -16.33 -11.14
CA ASP A 125 14.67 -17.45 -10.80
C ASP A 125 15.55 -17.16 -9.57
N VAL A 126 16.05 -15.93 -9.47
CA VAL A 126 16.83 -15.53 -8.31
C VAL A 126 15.96 -15.55 -7.07
N PHE A 127 14.78 -14.94 -7.16
CA PHE A 127 13.84 -14.85 -6.04
C PHE A 127 13.40 -16.22 -5.55
N GLU A 128 12.90 -17.06 -6.46
CA GLU A 128 12.39 -18.38 -6.09
C GLU A 128 13.45 -19.23 -5.44
N PHE A 129 14.66 -19.16 -5.96
CA PHE A 129 15.76 -19.97 -5.44
C PHE A 129 16.11 -19.53 -4.01
N ARG A 130 16.25 -18.22 -3.81
CA ARG A 130 16.58 -17.66 -2.49
C ARG A 130 15.45 -17.86 -1.47
N TYR A 131 14.21 -17.66 -1.91
CA TYR A 131 13.04 -17.87 -1.06
C TYR A 131 12.90 -19.32 -0.58
N ALA A 132 13.18 -20.30 -1.46
CA ALA A 132 13.18 -21.72 -1.09
C ALA A 132 14.24 -22.11 -0.05
N LYS A 133 15.37 -21.39 -0.01
CA LYS A 133 16.46 -21.63 0.97
C LYS A 133 16.21 -20.93 2.31
N MET A 134 15.07 -20.28 2.49
CA MET A 134 14.78 -19.62 3.76
C MET A 134 14.69 -20.66 4.89
N PRO A 135 15.43 -20.44 6.00
CA PRO A 135 15.23 -21.27 7.21
C PRO A 135 13.84 -21.08 7.82
N ASP A 136 13.22 -22.18 8.24
CA ASP A 136 11.82 -22.18 8.73
C ASP A 136 11.64 -23.07 9.96
N LYS B 26 -17.82 -30.68 -13.45
CA LYS B 26 -18.13 -29.91 -12.21
C LYS B 26 -16.91 -29.12 -11.72
N LEU B 27 -16.39 -28.27 -12.63
CA LEU B 27 -15.26 -27.38 -12.35
C LEU B 27 -15.65 -25.94 -12.68
N SER B 28 -15.19 -24.98 -11.86
CA SER B 28 -15.31 -23.56 -12.18
C SER B 28 -14.42 -23.21 -13.37
N GLU B 29 -14.64 -22.04 -13.95
CA GLU B 29 -13.90 -21.62 -15.15
C GLU B 29 -12.40 -21.39 -14.86
N GLN B 30 -12.09 -20.96 -13.64
CA GLN B 30 -10.70 -20.84 -13.19
C GLN B 30 -10.00 -22.20 -13.10
N LEU B 31 -10.64 -23.16 -12.45
CA LEU B 31 -10.08 -24.51 -12.32
C LEU B 31 -10.05 -25.28 -13.63
N LYS B 32 -10.95 -24.96 -14.56
CA LYS B 32 -10.88 -25.48 -15.92
C LYS B 32 -9.60 -25.01 -16.60
N HIS B 33 -9.30 -23.72 -16.43
CA HIS B 33 -8.04 -23.15 -16.92
C HIS B 33 -6.82 -23.79 -16.25
N CYS B 34 -6.89 -24.04 -14.93
CA CYS B 34 -5.81 -24.75 -14.23
C CYS B 34 -5.59 -26.16 -14.79
N ASN B 35 -6.69 -26.85 -15.11
CA ASN B 35 -6.60 -28.18 -15.71
C ASN B 35 -5.92 -28.14 -17.09
N GLY B 36 -6.24 -27.10 -17.88
CA GLY B 36 -5.54 -26.83 -19.13
C GLY B 36 -4.03 -26.60 -18.94
N ILE B 37 -3.68 -25.84 -17.90
CA ILE B 37 -2.26 -25.62 -17.56
C ILE B 37 -1.58 -26.94 -17.21
N LEU B 38 -2.22 -27.74 -16.37
CA LEU B 38 -1.68 -29.05 -15.98
C LEU B 38 -1.44 -29.93 -17.21
N LYS B 39 -2.45 -29.99 -18.06
CA LYS B 39 -2.35 -30.73 -19.31
C LYS B 39 -1.19 -30.21 -20.18
N GLU B 40 -1.02 -28.90 -20.24
CA GLU B 40 0.11 -28.30 -20.94
C GLU B 40 1.44 -28.75 -20.32
N LEU B 41 1.54 -28.72 -19.00
CA LEU B 41 2.77 -29.11 -18.32
C LEU B 41 3.16 -30.58 -18.55
N LEU B 42 2.16 -31.44 -18.71
CA LEU B 42 2.39 -32.86 -18.96
C LEU B 42 2.57 -33.24 -20.42
N SER B 43 2.53 -32.26 -21.33
CA SER B 43 2.55 -32.53 -22.78
C SER B 43 3.96 -32.75 -23.30
N LYS B 44 4.00 -33.37 -24.49
CA LYS B 44 5.24 -33.80 -25.12
C LYS B 44 6.23 -32.67 -25.35
N LYS B 45 5.73 -31.48 -25.69
CA LYS B 45 6.63 -30.38 -26.02
C LYS B 45 7.52 -29.91 -24.84
N HIS B 46 7.08 -30.12 -23.60
CA HIS B 46 7.87 -29.82 -22.39
C HIS B 46 8.52 -31.03 -21.70
N ALA B 47 8.36 -32.22 -22.27
CA ALA B 47 8.81 -33.48 -21.63
C ALA B 47 10.31 -33.49 -21.28
N ALA B 48 11.12 -32.85 -22.11
CA ALA B 48 12.57 -32.77 -21.88
C ALA B 48 12.98 -32.10 -20.57
N TYR B 49 12.13 -31.23 -20.03
CA TYR B 49 12.37 -30.62 -18.72
C TYR B 49 11.29 -30.92 -17.66
N ALA B 50 10.13 -31.46 -18.08
CA ALA B 50 9.07 -31.83 -17.14
C ALA B 50 9.30 -33.17 -16.44
N TRP B 51 10.05 -34.08 -17.05
CA TRP B 51 10.09 -35.48 -16.57
C TRP B 51 10.53 -35.70 -15.11
N PRO B 52 11.46 -34.88 -14.58
CA PRO B 52 11.84 -35.03 -13.15
C PRO B 52 10.75 -34.73 -12.13
N PHE B 53 9.65 -34.15 -12.59
CA PHE B 53 8.55 -33.72 -11.73
C PHE B 53 7.28 -34.53 -11.96
N TYR B 54 7.33 -35.55 -12.84
CA TYR B 54 6.14 -36.31 -13.21
C TYR B 54 5.66 -37.20 -12.06
N LYS B 55 6.59 -37.90 -11.43
CA LYS B 55 6.30 -38.73 -10.26
C LYS B 55 7.09 -38.22 -9.07
N PRO B 56 6.74 -38.66 -7.86
CA PRO B 56 7.53 -38.28 -6.68
C PRO B 56 9.01 -38.56 -6.82
N VAL B 57 9.84 -37.69 -6.26
CA VAL B 57 11.28 -37.95 -6.23
C VAL B 57 11.50 -39.26 -5.46
N ASP B 58 12.32 -40.13 -6.04
CA ASP B 58 12.59 -41.44 -5.51
C ASP B 58 13.92 -41.27 -4.80
N ALA B 59 13.84 -40.68 -3.62
CA ALA B 59 15.01 -40.27 -2.88
C ALA B 59 15.78 -41.45 -2.38
N SER B 60 15.08 -42.47 -1.89
CA SER B 60 15.72 -43.68 -1.38
C SER B 60 16.51 -44.39 -2.48
N ALA B 61 15.90 -44.56 -3.65
CA ALA B 61 16.59 -45.16 -4.78
C ALA B 61 17.85 -44.38 -5.16
N LEU B 62 17.74 -43.05 -5.22
CA LEU B 62 18.88 -42.18 -5.49
C LEU B 62 19.91 -42.09 -4.36
N GLY B 63 19.59 -42.64 -3.19
CA GLY B 63 20.45 -42.52 -2.03
C GLY B 63 20.44 -41.14 -1.40
N LEU B 64 19.36 -40.38 -1.56
CA LEU B 64 19.24 -39.04 -0.96
C LEU B 64 18.64 -39.21 0.43
N HIS B 65 19.50 -39.58 1.36
CA HIS B 65 19.09 -40.03 2.68
C HIS B 65 18.42 -38.91 3.46
N ASP B 66 18.93 -37.69 3.28
CA ASP B 66 18.41 -36.49 3.91
C ASP B 66 17.18 -35.83 3.23
N TYR B 67 16.72 -36.35 2.08
CA TYR B 67 15.69 -35.63 1.30
C TYR B 67 14.45 -35.32 2.13
N HIS B 68 13.96 -36.31 2.86
CA HIS B 68 12.75 -36.15 3.67
C HIS B 68 12.97 -35.40 5.00
N ASP B 69 14.22 -35.19 5.40
CA ASP B 69 14.55 -34.27 6.50
C ASP B 69 14.49 -32.81 6.08
N ILE B 70 14.80 -32.53 4.83
CA ILE B 70 14.82 -31.17 4.31
C ILE B 70 13.48 -30.80 3.65
N ILE B 71 12.91 -31.74 2.91
CA ILE B 71 11.62 -31.56 2.26
C ILE B 71 10.50 -32.21 3.08
N LYS B 72 9.75 -31.42 3.83
N LYS B 72 9.79 -31.36 3.84
CA LYS B 72 8.69 -31.96 4.67
CA LYS B 72 8.63 -31.71 4.67
C LYS B 72 7.35 -32.17 3.92
C LYS B 72 7.43 -32.20 3.87
N HIS B 73 7.14 -31.50 2.78
CA HIS B 73 5.91 -31.67 2.00
C HIS B 73 6.25 -31.92 0.52
N PRO B 74 6.54 -33.18 0.15
CA PRO B 74 6.82 -33.57 -1.24
C PRO B 74 5.66 -33.28 -2.16
N MET B 75 5.96 -32.92 -3.41
CA MET B 75 4.92 -32.67 -4.38
C MET B 75 5.42 -32.98 -5.77
N ASP B 76 4.50 -33.38 -6.64
CA ASP B 76 4.83 -33.73 -8.00
C ASP B 76 3.61 -33.64 -8.88
N LEU B 77 3.81 -33.66 -10.19
CA LEU B 77 2.73 -33.44 -11.13
C LEU B 77 1.63 -34.49 -11.10
N SER B 78 1.97 -35.74 -10.79
CA SER B 78 0.93 -36.78 -10.73
C SER B 78 0.09 -36.65 -9.48
N THR B 79 0.69 -36.22 -8.38
CA THR B 79 -0.09 -35.88 -7.19
C THR B 79 -1.09 -34.75 -7.51
N VAL B 80 -0.62 -33.70 -8.18
CA VAL B 80 -1.49 -32.59 -8.56
C VAL B 80 -2.65 -33.07 -9.45
N LYS B 81 -2.32 -33.92 -10.43
CA LYS B 81 -3.32 -34.54 -11.29
C LYS B 81 -4.35 -35.37 -10.51
N ARG B 82 -3.86 -36.26 -9.65
CA ARG B 82 -4.70 -37.03 -8.72
C ARG B 82 -5.70 -36.14 -8.01
N LYS B 83 -5.19 -35.07 -7.41
CA LYS B 83 -6.02 -34.12 -6.66
C LYS B 83 -7.05 -33.40 -7.56
N MET B 84 -6.64 -33.00 -8.76
CA MET B 84 -7.53 -32.35 -9.72
C MET B 84 -8.65 -33.30 -10.17
N GLU B 85 -8.31 -34.55 -10.47
CA GLU B 85 -9.31 -35.56 -10.88
C GLU B 85 -10.29 -35.94 -9.76
N ASN B 86 -9.85 -35.80 -8.51
CA ASN B 86 -10.73 -35.96 -7.35
C ASN B 86 -11.50 -34.71 -6.93
N ARG B 87 -11.33 -33.59 -7.67
CA ARG B 87 -11.99 -32.30 -7.37
C ARG B 87 -11.62 -31.75 -5.99
N ASP B 88 -10.37 -31.90 -5.60
CA ASP B 88 -9.91 -31.46 -4.28
C ASP B 88 -9.49 -30.00 -4.21
N TYR B 89 -9.24 -29.37 -5.35
CA TYR B 89 -8.86 -27.97 -5.35
C TYR B 89 -10.09 -27.07 -5.18
N ARG B 90 -10.09 -26.26 -4.12
CA ARG B 90 -11.16 -25.27 -3.88
C ARG B 90 -11.14 -24.11 -4.85
N ASP B 91 -9.95 -23.67 -5.24
CA ASP B 91 -9.79 -22.57 -6.22
C ASP B 91 -8.42 -22.62 -6.89
N ALA B 92 -8.17 -21.68 -7.80
CA ALA B 92 -6.92 -21.63 -8.55
C ALA B 92 -5.70 -21.39 -7.65
N GLN B 93 -5.88 -20.64 -6.56
CA GLN B 93 -4.78 -20.34 -5.64
C GLN B 93 -4.21 -21.60 -4.94
N GLU B 94 -5.06 -22.58 -4.65
CA GLU B 94 -4.61 -23.85 -4.09
C GLU B 94 -3.83 -24.71 -5.09
N PHE B 95 -4.32 -24.75 -6.33
CA PHE B 95 -3.61 -25.40 -7.42
C PHE B 95 -2.23 -24.78 -7.60
N ALA B 96 -2.19 -23.44 -7.66
CA ALA B 96 -0.94 -22.72 -7.79
C ALA B 96 0.02 -23.01 -6.66
N ALA B 97 -0.50 -23.10 -5.44
CA ALA B 97 0.35 -23.34 -4.26
C ALA B 97 1.07 -24.70 -4.33
N ASP B 98 0.36 -25.75 -4.77
CA ASP B 98 0.98 -27.07 -4.96
C ASP B 98 2.06 -27.07 -6.03
N VAL B 99 1.77 -26.47 -7.18
CA VAL B 99 2.75 -26.40 -8.26
C VAL B 99 4.01 -25.63 -7.81
N ARG B 100 3.84 -24.51 -7.11
CA ARG B 100 5.00 -23.76 -6.58
C ARG B 100 5.77 -24.50 -5.50
N LEU B 101 5.05 -25.27 -4.68
CA LEU B 101 5.65 -26.13 -3.70
C LEU B 101 6.61 -27.14 -4.34
N MET B 102 6.18 -27.73 -5.44
CA MET B 102 6.99 -28.69 -6.20
C MET B 102 8.30 -28.05 -6.67
N PHE B 103 8.20 -26.85 -7.22
CA PHE B 103 9.38 -26.14 -7.68
C PHE B 103 10.24 -25.69 -6.51
N SER B 104 9.62 -25.19 -5.45
CA SER B 104 10.37 -24.76 -4.25
C SER B 104 11.13 -25.89 -3.57
N ASN B 105 10.53 -27.08 -3.52
CA ASN B 105 11.21 -28.24 -2.96
C ASN B 105 12.51 -28.48 -3.74
N CYS B 106 12.41 -28.39 -5.07
CA CYS B 106 13.54 -28.63 -5.93
C CYS B 106 14.64 -27.63 -5.63
N TYR B 107 14.27 -26.34 -5.59
CA TYR B 107 15.24 -25.28 -5.31
C TYR B 107 15.82 -25.36 -3.89
N LYS B 108 14.97 -25.75 -2.94
CA LYS B 108 15.41 -25.88 -1.54
C LYS B 108 16.48 -26.96 -1.38
N TYR B 109 16.19 -28.15 -1.88
CA TYR B 109 17.08 -29.28 -1.69
C TYR B 109 18.39 -29.15 -2.45
N ASN B 110 18.37 -28.55 -3.65
CA ASN B 110 19.45 -28.68 -4.60
C ASN B 110 20.37 -27.48 -4.70
N PRO B 111 21.65 -27.72 -5.04
CA PRO B 111 22.51 -26.59 -5.36
C PRO B 111 22.12 -25.97 -6.71
N PRO B 112 22.47 -24.68 -6.92
CA PRO B 112 22.03 -23.94 -8.11
C PRO B 112 22.55 -24.46 -9.46
N ASP B 113 23.65 -25.22 -9.45
CA ASP B 113 24.28 -25.75 -10.66
C ASP B 113 23.76 -27.12 -11.15
N HIS B 114 22.89 -27.76 -10.39
CA HIS B 114 22.36 -29.07 -10.77
C HIS B 114 21.42 -28.95 -11.97
N ASP B 115 21.47 -29.92 -12.88
CA ASP B 115 20.59 -29.96 -14.06
C ASP B 115 19.11 -29.77 -13.70
N VAL B 116 18.68 -30.39 -12.60
CA VAL B 116 17.28 -30.41 -12.21
C VAL B 116 16.73 -29.01 -11.87
N VAL B 117 17.59 -28.12 -11.39
CA VAL B 117 17.18 -26.75 -11.04
C VAL B 117 16.84 -25.96 -12.29
N ALA B 118 17.70 -26.07 -13.30
CA ALA B 118 17.46 -25.48 -14.61
C ALA B 118 16.19 -26.04 -15.29
N MET B 119 15.92 -27.31 -15.07
CA MET B 119 14.72 -27.93 -15.63
C MET B 119 13.47 -27.41 -14.91
N ALA B 120 13.54 -27.32 -13.59
CA ALA B 120 12.50 -26.69 -12.78
C ALA B 120 12.18 -25.27 -13.28
N ARG B 121 13.21 -24.46 -13.48
CA ARG B 121 13.06 -23.10 -13.94
C ARG B 121 12.40 -22.99 -15.31
N LYS B 122 12.77 -23.86 -16.24
CA LYS B 122 12.11 -23.87 -17.56
C LYS B 122 10.62 -24.23 -17.44
N LEU B 123 10.31 -25.23 -16.61
CA LEU B 123 8.92 -25.64 -16.45
C LEU B 123 8.13 -24.58 -15.68
N GLN B 124 8.74 -24.00 -14.65
CA GLN B 124 8.07 -22.95 -13.90
C GLN B 124 7.75 -21.72 -14.77
N ASP B 125 8.62 -21.37 -15.72
CA ASP B 125 8.32 -20.28 -16.67
C ASP B 125 7.05 -20.59 -17.46
N VAL B 126 6.89 -21.84 -17.89
CA VAL B 126 5.69 -22.23 -18.63
C VAL B 126 4.47 -22.09 -17.70
N PHE B 127 4.60 -22.60 -16.47
CA PHE B 127 3.49 -22.53 -15.51
C PHE B 127 3.08 -21.09 -15.17
N GLU B 128 4.03 -20.29 -14.71
CA GLU B 128 3.74 -18.93 -14.26
C GLU B 128 3.13 -18.06 -15.35
N PHE B 129 3.62 -18.21 -16.58
CA PHE B 129 3.11 -17.43 -17.69
C PHE B 129 1.65 -17.78 -18.01
N ARG B 130 1.36 -19.08 -18.13
CA ARG B 130 -0.02 -19.52 -18.39
C ARG B 130 -0.97 -19.24 -17.21
N TYR B 131 -0.46 -19.38 -15.99
CA TYR B 131 -1.24 -19.04 -14.80
C TYR B 131 -1.60 -17.56 -14.76
N ALA B 132 -0.71 -16.69 -15.22
CA ALA B 132 -0.99 -15.24 -15.23
C ALA B 132 -2.03 -14.81 -16.27
N LYS B 133 -2.26 -15.65 -17.29
CA LYS B 133 -3.30 -15.40 -18.30
C LYS B 133 -4.67 -15.97 -17.93
N MET B 134 -4.91 -16.29 -16.66
CA MET B 134 -6.21 -16.82 -16.25
C MET B 134 -7.33 -15.78 -16.35
N PRO B 135 -8.57 -16.18 -16.73
CA PRO B 135 -9.66 -15.20 -16.79
C PRO B 135 -10.12 -14.71 -15.42
N ASP B 136 -10.74 -13.52 -15.40
CA ASP B 136 -11.20 -12.84 -14.18
C ASP B 136 -12.70 -12.94 -14.00
N LEU C 27 -17.98 9.20 -7.23
CA LEU C 27 -17.85 9.86 -8.56
C LEU C 27 -16.39 9.97 -9.01
N SER C 28 -16.20 9.98 -10.33
CA SER C 28 -14.89 10.18 -10.94
C SER C 28 -14.54 11.67 -10.94
N GLU C 29 -15.55 12.54 -10.92
CA GLU C 29 -15.31 13.99 -10.92
C GLU C 29 -14.70 14.47 -9.59
N GLN C 30 -15.09 13.83 -8.48
CA GLN C 30 -14.48 14.13 -7.18
C GLN C 30 -13.04 13.60 -7.10
N LEU C 31 -12.82 12.38 -7.58
CA LEU C 31 -11.46 11.83 -7.66
C LEU C 31 -10.58 12.57 -8.67
N LYS C 32 -11.18 13.06 -9.75
CA LYS C 32 -10.48 13.93 -10.70
C LYS C 32 -10.07 15.26 -10.04
N HIS C 33 -10.95 15.83 -9.21
CA HIS C 33 -10.61 17.01 -8.41
C HIS C 33 -9.49 16.69 -7.39
N CYS C 34 -9.54 15.51 -6.78
CA CYS C 34 -8.46 15.06 -5.89
C CYS C 34 -7.13 14.96 -6.63
N ASN C 35 -7.16 14.48 -7.86
CA ASN C 35 -5.96 14.43 -8.69
C ASN C 35 -5.39 15.83 -8.94
N GLY C 36 -6.29 16.79 -9.14
CA GLY C 36 -5.92 18.20 -9.26
C GLY C 36 -5.25 18.78 -8.02
N ILE C 37 -5.73 18.40 -6.85
CA ILE C 37 -5.13 18.81 -5.58
C ILE C 37 -3.72 18.23 -5.45
N LEU C 38 -3.61 16.94 -5.74
CA LEU C 38 -2.32 16.26 -5.70
C LEU C 38 -1.27 16.97 -6.57
N LYS C 39 -1.64 17.26 -7.81
CA LYS C 39 -0.79 18.03 -8.74
C LYS C 39 -0.40 19.40 -8.17
N GLU C 40 -1.35 20.05 -7.51
CA GLU C 40 -1.10 21.33 -6.86
C GLU C 40 -0.07 21.16 -5.74
N LEU C 41 -0.27 20.18 -4.86
CA LEU C 41 0.68 19.91 -3.76
C LEU C 41 2.09 19.54 -4.24
N LEU C 42 2.20 18.93 -5.42
CA LEU C 42 3.49 18.57 -6.02
C LEU C 42 4.14 19.69 -6.84
N SER C 43 3.39 20.76 -7.13
CA SER C 43 3.89 21.84 -7.99
C SER C 43 5.02 22.64 -7.33
N LYS C 44 5.88 23.21 -8.16
CA LYS C 44 7.08 23.94 -7.72
C LYS C 44 6.78 25.11 -6.77
N LYS C 45 5.71 25.83 -7.03
CA LYS C 45 5.18 26.86 -6.12
C LYS C 45 5.29 26.52 -4.62
N HIS C 46 4.99 25.28 -4.24
CA HIS C 46 5.05 24.84 -2.83
C HIS C 46 6.31 24.05 -2.45
N ALA C 47 7.33 24.05 -3.30
CA ALA C 47 8.45 23.10 -3.16
C ALA C 47 9.28 23.35 -1.92
N ALA C 48 9.41 24.61 -1.50
CA ALA C 48 10.18 24.93 -0.27
C ALA C 48 9.62 24.30 1.02
N TYR C 49 8.32 23.99 1.07
CA TYR C 49 7.74 23.30 2.24
C TYR C 49 7.20 21.88 1.95
N ALA C 50 7.00 21.54 0.69
CA ALA C 50 6.48 20.23 0.32
C ALA C 50 7.53 19.12 0.28
N TRP C 51 8.81 19.46 0.06
CA TRP C 51 9.85 18.44 -0.19
C TRP C 51 10.01 17.34 0.85
N PRO C 52 9.78 17.62 2.16
CA PRO C 52 9.89 16.50 3.12
C PRO C 52 8.80 15.42 2.98
N PHE C 53 7.78 15.71 2.17
CA PHE C 53 6.64 14.81 1.98
C PHE C 53 6.57 14.18 0.58
N TYR C 54 7.58 14.42 -0.26
CA TYR C 54 7.57 13.87 -1.62
C TYR C 54 7.71 12.35 -1.60
N LYS C 55 8.66 11.85 -0.83
CA LYS C 55 8.92 10.40 -0.70
C LYS C 55 8.76 10.01 0.75
N PRO C 56 8.74 8.69 1.04
CA PRO C 56 8.66 8.28 2.44
C PRO C 56 9.81 8.81 3.27
N VAL C 57 9.55 9.02 4.55
CA VAL C 57 10.59 9.41 5.50
C VAL C 57 11.61 8.28 5.50
N ASP C 58 12.85 8.62 5.17
CA ASP C 58 13.93 7.63 5.10
C ASP C 58 14.57 7.55 6.47
N ALA C 59 14.06 6.66 7.31
CA ALA C 59 14.63 6.42 8.63
C ALA C 59 16.17 6.28 8.60
N SER C 60 16.69 5.46 7.67
CA SER C 60 18.14 5.21 7.55
C SER C 60 18.99 6.49 7.33
N ALA C 61 18.68 7.23 6.27
CA ALA C 61 19.39 8.50 5.98
C ALA C 61 19.43 9.47 7.16
N LEU C 62 18.35 9.46 7.97
CA LEU C 62 18.20 10.29 9.16
C LEU C 62 18.64 9.65 10.49
N GLY C 63 18.79 8.33 10.48
CA GLY C 63 19.25 7.59 11.65
C GLY C 63 18.24 7.56 12.76
N LEU C 64 17.00 7.22 12.42
CA LEU C 64 15.86 7.25 13.34
C LEU C 64 15.40 5.84 13.65
N HIS C 65 15.95 5.26 14.70
CA HIS C 65 15.68 3.84 15.04
C HIS C 65 14.29 3.59 15.61
N ASP C 66 13.58 4.64 16.01
CA ASP C 66 12.23 4.50 16.61
C ASP C 66 11.07 4.97 15.71
N TYR C 67 11.36 5.47 14.49
CA TYR C 67 10.32 6.04 13.62
C TYR C 67 9.23 5.04 13.30
N HIS C 68 9.61 3.84 12.89
CA HIS C 68 8.62 2.81 12.54
C HIS C 68 7.97 2.15 13.77
N ASP C 69 8.54 2.33 14.96
CA ASP C 69 7.86 1.97 16.23
C ASP C 69 6.70 2.92 16.56
N ILE C 70 6.91 4.22 16.38
CA ILE C 70 5.91 5.24 16.73
C ILE C 70 4.89 5.42 15.60
N ILE C 71 5.38 5.50 14.35
CA ILE C 71 4.53 5.62 13.17
C ILE C 71 4.27 4.24 12.55
N LYS C 72 3.08 3.70 12.82
CA LYS C 72 2.71 2.37 12.36
C LYS C 72 2.29 2.34 10.89
N HIS C 73 1.75 3.45 10.39
CA HIS C 73 1.25 3.56 9.02
C HIS C 73 1.80 4.82 8.36
N PRO C 74 3.03 4.72 7.85
CA PRO C 74 3.63 5.85 7.14
C PRO C 74 2.88 6.18 5.87
N MET C 75 2.98 7.43 5.45
CA MET C 75 2.33 7.90 4.24
C MET C 75 3.10 9.10 3.70
N ASP C 76 3.03 9.29 2.40
CA ASP C 76 3.71 10.39 1.72
C ASP C 76 3.06 10.64 0.36
N LEU C 77 3.47 11.70 -0.32
CA LEU C 77 2.80 12.14 -1.55
C LEU C 77 3.01 11.17 -2.71
N SER C 78 4.16 10.50 -2.81
CA SER C 78 4.35 9.56 -3.92
C SER C 78 3.52 8.31 -3.72
N THR C 79 3.32 7.89 -2.47
CA THR C 79 2.45 6.77 -2.19
C THR C 79 1.03 7.13 -2.59
N VAL C 80 0.57 8.33 -2.21
CA VAL C 80 -0.76 8.82 -2.58
C VAL C 80 -0.89 8.83 -4.11
N LYS C 81 0.12 9.33 -4.80
CA LYS C 81 0.12 9.36 -6.25
C LYS C 81 0.03 7.98 -6.89
N ARG C 82 0.82 7.03 -6.39
CA ARG C 82 0.78 5.67 -6.92
C ARG C 82 -0.61 5.06 -6.70
N LYS C 83 -1.22 5.28 -5.54
CA LYS C 83 -2.58 4.82 -5.28
C LYS C 83 -3.61 5.45 -6.23
N MET C 84 -3.42 6.72 -6.57
CA MET C 84 -4.29 7.38 -7.54
C MET C 84 -4.13 6.77 -8.94
N GLU C 85 -2.89 6.63 -9.41
CA GLU C 85 -2.62 5.96 -10.70
C GLU C 85 -3.17 4.54 -10.77
N ASN C 86 -3.07 3.81 -9.65
CA ASN C 86 -3.55 2.43 -9.59
C ASN C 86 -5.08 2.30 -9.41
N ARG C 87 -5.76 3.43 -9.20
CA ARG C 87 -7.21 3.49 -8.96
C ARG C 87 -7.61 2.77 -7.67
N ASP C 88 -6.78 2.88 -6.63
CA ASP C 88 -7.09 2.30 -5.33
C ASP C 88 -8.03 3.14 -4.50
N TYR C 89 -8.27 4.40 -4.85
CA TYR C 89 -9.17 5.23 -4.06
C TYR C 89 -10.58 5.06 -4.56
N ARG C 90 -11.47 4.64 -3.65
CA ARG C 90 -12.89 4.50 -3.98
C ARG C 90 -13.64 5.82 -3.95
N ASP C 91 -13.17 6.77 -3.14
CA ASP C 91 -13.80 8.10 -3.05
C ASP C 91 -12.82 9.17 -2.55
N ALA C 92 -13.25 10.41 -2.57
CA ALA C 92 -12.43 11.53 -2.10
C ALA C 92 -12.09 11.47 -0.60
N GLN C 93 -12.97 10.86 0.20
CA GLN C 93 -12.74 10.75 1.64
C GLN C 93 -11.54 9.85 1.92
N GLU C 94 -11.33 8.82 1.10
CA GLU C 94 -10.20 7.92 1.27
C GLU C 94 -8.87 8.61 0.91
N PHE C 95 -8.89 9.40 -0.15
CA PHE C 95 -7.76 10.26 -0.54
C PHE C 95 -7.42 11.25 0.59
N ALA C 96 -8.43 11.97 1.08
CA ALA C 96 -8.24 12.95 2.14
C ALA C 96 -7.67 12.31 3.38
N ALA C 97 -8.19 11.14 3.75
CA ALA C 97 -7.71 10.37 4.89
C ALA C 97 -6.21 10.05 4.83
N ASP C 98 -5.71 9.71 3.64
CA ASP C 98 -4.27 9.45 3.43
C ASP C 98 -3.44 10.72 3.57
N VAL C 99 -3.89 11.81 2.96
CA VAL C 99 -3.18 13.07 3.05
C VAL C 99 -3.08 13.52 4.52
N ARG C 100 -4.18 13.40 5.24
CA ARG C 100 -4.24 13.77 6.64
C ARG C 100 -3.43 12.86 7.52
N LEU C 101 -3.40 11.58 7.18
CA LEU C 101 -2.51 10.62 7.85
C LEU C 101 -1.05 11.03 7.72
N MET C 102 -0.65 11.44 6.52
CA MET C 102 0.68 11.94 6.26
C MET C 102 1.02 13.09 7.21
N PHE C 103 0.15 14.09 7.29
CA PHE C 103 0.37 15.23 8.17
C PHE C 103 0.34 14.83 9.64
N SER C 104 -0.58 13.95 10.02
CA SER C 104 -0.69 13.51 11.42
C SER C 104 0.53 12.76 11.92
N ASN C 105 1.09 11.87 11.09
CA ASN C 105 2.32 11.16 11.43
C ASN C 105 3.43 12.16 11.77
N CYS C 106 3.55 13.19 10.95
CA CYS C 106 4.56 14.23 11.15
C CYS C 106 4.36 14.96 12.49
N TYR C 107 3.13 15.37 12.80
CA TYR C 107 2.83 16.00 14.10
C TYR C 107 3.04 15.04 15.24
N LYS C 108 2.65 13.79 15.05
CA LYS C 108 2.79 12.78 16.07
C LYS C 108 4.24 12.53 16.47
N TYR C 109 5.12 12.32 15.49
CA TYR C 109 6.52 11.98 15.75
C TYR C 109 7.35 13.14 16.29
N ASN C 110 7.08 14.35 15.81
CA ASN C 110 7.96 15.49 16.03
C ASN C 110 7.50 16.43 17.16
N PRO C 111 8.47 17.12 17.78
CA PRO C 111 8.12 18.20 18.69
C PRO C 111 7.69 19.45 17.90
N PRO C 112 6.91 20.35 18.52
CA PRO C 112 6.31 21.50 17.81
C PRO C 112 7.27 22.51 17.14
N ASP C 113 8.52 22.59 17.60
CA ASP C 113 9.49 23.58 17.09
C ASP C 113 10.46 23.08 15.99
N HIS C 114 10.28 21.83 15.56
CA HIS C 114 11.06 21.28 14.43
C HIS C 114 10.56 21.90 13.13
N ASP C 115 11.49 22.21 12.20
CA ASP C 115 11.14 22.84 10.92
C ASP C 115 10.09 22.08 10.11
N VAL C 116 10.15 20.74 10.17
CA VAL C 116 9.24 19.88 9.41
C VAL C 116 7.75 20.09 9.80
N VAL C 117 7.48 20.42 11.06
CA VAL C 117 6.12 20.68 11.54
C VAL C 117 5.57 21.97 10.93
N ALA C 118 6.36 23.04 10.94
CA ALA C 118 6.01 24.29 10.24
C ALA C 118 5.76 24.08 8.75
N MET C 119 6.55 23.22 8.13
CA MET C 119 6.41 22.91 6.72
C MET C 119 5.15 22.09 6.48
N ALA C 120 4.90 21.10 7.34
CA ALA C 120 3.65 20.31 7.27
C ALA C 120 2.42 21.20 7.31
N ARG C 121 2.42 22.16 8.24
CA ARG C 121 1.30 23.08 8.43
C ARG C 121 1.03 23.96 7.21
N LYS C 122 2.09 24.45 6.57
CA LYS C 122 1.92 25.23 5.35
C LYS C 122 1.31 24.42 4.23
N LEU C 123 1.77 23.17 4.07
CA LEU C 123 1.27 22.30 3.01
C LEU C 123 -0.15 21.84 3.32
N GLN C 124 -0.43 21.56 4.60
CA GLN C 124 -1.79 21.21 5.00
C GLN C 124 -2.80 22.35 4.75
N ASP C 125 -2.37 23.59 4.95
CA ASP C 125 -3.24 24.73 4.62
C ASP C 125 -3.61 24.74 3.13
N VAL C 126 -2.65 24.41 2.27
CA VAL C 126 -2.95 24.30 0.83
C VAL C 126 -3.93 23.15 0.60
N PHE C 127 -3.65 21.99 1.17
CA PHE C 127 -4.51 20.85 0.95
C PHE C 127 -5.95 21.08 1.46
N GLU C 128 -6.07 21.49 2.72
CA GLU C 128 -7.40 21.68 3.35
C GLU C 128 -8.25 22.69 2.59
N PHE C 129 -7.63 23.78 2.14
CA PHE C 129 -8.35 24.82 1.40
C PHE C 129 -8.86 24.26 0.05
N ARG C 130 -7.98 23.63 -0.71
CA ARG C 130 -8.35 23.10 -2.03
C ARG C 130 -9.36 21.95 -1.89
N TYR C 131 -9.19 21.10 -0.88
CA TYR C 131 -10.13 20.02 -0.62
C TYR C 131 -11.53 20.54 -0.27
N ALA C 132 -11.59 21.66 0.47
CA ALA C 132 -12.88 22.27 0.83
C ALA C 132 -13.65 22.80 -0.38
N LYS C 133 -12.95 23.15 -1.46
CA LYS C 133 -13.59 23.66 -2.68
C LYS C 133 -14.10 22.58 -3.65
N MET C 134 -14.17 21.33 -3.22
CA MET C 134 -14.62 20.26 -4.11
C MET C 134 -16.12 20.35 -4.43
N PRO C 135 -16.53 20.02 -5.67
CA PRO C 135 -17.97 20.00 -6.04
C PRO C 135 -18.87 19.11 -5.18
N ASP C 136 -20.17 19.43 -5.19
CA ASP C 136 -21.23 18.71 -4.44
C ASP C 136 -21.06 18.85 -2.92
N LYS D 26 -17.05 7.67 32.40
CA LYS D 26 -17.93 7.47 31.20
C LYS D 26 -17.34 7.97 29.84
N LEU D 27 -16.10 8.46 29.84
CA LEU D 27 -15.35 8.78 28.60
C LEU D 27 -14.14 7.84 28.50
N SER D 28 -13.89 7.30 27.30
CA SER D 28 -12.67 6.53 27.04
C SER D 28 -11.43 7.41 27.20
N GLU D 29 -10.26 6.77 27.20
CA GLU D 29 -8.99 7.49 27.27
C GLU D 29 -8.84 8.44 26.07
N GLN D 30 -9.26 7.99 24.90
CA GLN D 30 -9.17 8.78 23.67
C GLN D 30 -10.12 9.98 23.68
N LEU D 31 -11.37 9.77 24.09
CA LEU D 31 -12.34 10.88 24.15
C LEU D 31 -12.04 11.85 25.29
N LYS D 32 -11.40 11.36 26.36
CA LYS D 32 -10.91 12.24 27.43
C LYS D 32 -9.84 13.18 26.88
N HIS D 33 -8.94 12.65 26.06
CA HIS D 33 -7.91 13.46 25.38
C HIS D 33 -8.56 14.49 24.45
N CYS D 34 -9.60 14.09 23.71
CA CYS D 34 -10.36 15.01 22.85
C CYS D 34 -11.03 16.14 23.65
N ASN D 35 -11.58 15.81 24.81
CA ASN D 35 -12.17 16.82 25.68
C ASN D 35 -11.11 17.84 26.13
N GLY D 36 -9.91 17.36 26.44
CA GLY D 36 -8.74 18.21 26.69
C GLY D 36 -8.41 19.12 25.51
N ILE D 37 -8.48 18.58 24.30
CA ILE D 37 -8.24 19.38 23.09
C ILE D 37 -9.27 20.50 22.97
N LEU D 38 -10.54 20.14 23.10
CA LEU D 38 -11.63 21.12 23.03
C LEU D 38 -11.47 22.24 24.05
N LYS D 39 -11.15 21.88 25.28
CA LYS D 39 -10.84 22.88 26.33
C LYS D 39 -9.75 23.86 25.90
N GLU D 40 -8.67 23.34 25.30
CA GLU D 40 -7.59 24.17 24.80
C GLU D 40 -8.09 25.12 23.71
N LEU D 41 -8.85 24.61 22.74
CA LEU D 41 -9.41 25.46 21.67
C LEU D 41 -10.35 26.56 22.17
N LEU D 42 -10.98 26.32 23.33
CA LEU D 42 -11.88 27.31 23.95
C LEU D 42 -11.20 28.21 24.98
N SER D 43 -9.94 27.96 25.30
CA SER D 43 -9.21 28.72 26.31
C SER D 43 -8.80 30.11 25.80
N LYS D 44 -8.50 31.01 26.73
CA LYS D 44 -8.14 32.41 26.45
C LYS D 44 -6.90 32.55 25.60
N LYS D 45 -5.93 31.67 25.85
CA LYS D 45 -4.71 31.55 25.03
C LYS D 45 -4.96 31.77 23.53
N HIS D 46 -5.99 31.14 22.97
CA HIS D 46 -6.22 31.14 21.52
C HIS D 46 -7.36 32.06 21.05
N ALA D 47 -7.90 32.89 21.96
CA ALA D 47 -9.13 33.65 21.71
C ALA D 47 -9.03 34.57 20.51
N ALA D 48 -7.86 35.17 20.31
CA ALA D 48 -7.66 36.09 19.18
C ALA D 48 -7.95 35.51 17.80
N TYR D 49 -7.84 34.20 17.63
CA TYR D 49 -8.21 33.53 16.38
C TYR D 49 -9.29 32.44 16.55
N ALA D 50 -9.65 32.07 17.77
CA ALA D 50 -10.74 31.12 17.99
C ALA D 50 -12.15 31.75 18.03
N TRP D 51 -12.28 33.02 18.43
CA TRP D 51 -13.60 33.64 18.64
C TRP D 51 -14.61 33.48 17.50
N PRO D 52 -14.18 33.53 16.21
CA PRO D 52 -15.21 33.40 15.16
C PRO D 52 -15.88 32.02 15.07
N PHE D 53 -15.34 31.05 15.81
CA PHE D 53 -15.83 29.67 15.87
C PHE D 53 -16.50 29.29 17.19
N TYR D 54 -16.66 30.24 18.11
CA TYR D 54 -17.35 29.97 19.39
C TYR D 54 -18.84 29.72 19.26
N LYS D 55 -19.43 30.23 18.20
CA LYS D 55 -20.87 30.31 18.06
C LYS D 55 -21.12 30.28 16.54
N PRO D 56 -22.35 29.96 16.10
CA PRO D 56 -22.62 29.91 14.66
C PRO D 56 -22.32 31.19 13.91
N VAL D 57 -22.01 31.06 12.63
CA VAL D 57 -21.83 32.21 11.75
C VAL D 57 -23.19 32.91 11.64
N ASP D 58 -23.25 34.18 12.03
CA ASP D 58 -24.51 34.94 12.04
C ASP D 58 -24.71 35.53 10.67
N ALA D 59 -25.27 34.73 9.79
CA ALA D 59 -25.42 35.09 8.38
C ALA D 59 -26.32 36.30 8.11
N SER D 60 -27.41 36.46 8.88
CA SER D 60 -28.31 37.64 8.71
C SER D 60 -27.50 38.88 8.99
N ALA D 61 -26.86 38.90 10.15
CA ALA D 61 -26.07 40.05 10.60
C ALA D 61 -24.94 40.42 9.65
N LEU D 62 -24.21 39.41 9.17
CA LEU D 62 -23.13 39.64 8.22
C LEU D 62 -23.60 39.96 6.80
N GLY D 63 -24.86 39.68 6.51
CA GLY D 63 -25.45 39.93 5.20
C GLY D 63 -25.11 38.86 4.17
N LEU D 64 -24.98 37.61 4.63
CA LEU D 64 -24.60 36.49 3.76
C LEU D 64 -25.85 35.68 3.39
N HIS D 65 -26.61 36.23 2.44
CA HIS D 65 -27.82 35.54 1.91
C HIS D 65 -27.55 34.16 1.28
N ASP D 66 -26.31 33.90 0.85
CA ASP D 66 -25.91 32.58 0.25
C ASP D 66 -25.14 31.62 1.18
N TYR D 67 -24.91 31.98 2.45
CA TYR D 67 -24.08 31.15 3.32
C TYR D 67 -24.68 29.75 3.51
N HIS D 68 -25.99 29.69 3.78
CA HIS D 68 -26.67 28.40 3.96
C HIS D 68 -27.03 27.65 2.68
N ASP D 69 -26.83 28.25 1.52
CA ASP D 69 -26.84 27.50 0.24
C ASP D 69 -25.55 26.71 0.04
N ILE D 70 -24.42 27.34 0.36
CA ILE D 70 -23.09 26.76 0.15
C ILE D 70 -22.70 25.84 1.30
N ILE D 71 -23.04 26.23 2.53
CA ILE D 71 -22.76 25.44 3.73
C ILE D 71 -24.04 24.72 4.22
N LYS D 72 -24.10 23.42 3.96
CA LYS D 72 -25.25 22.56 4.32
C LYS D 72 -25.20 22.04 5.75
N HIS D 73 -24.00 21.95 6.35
CA HIS D 73 -23.84 21.43 7.70
C HIS D 73 -23.03 22.35 8.60
N PRO D 74 -23.66 23.45 9.07
CA PRO D 74 -22.99 24.35 10.01
C PRO D 74 -22.44 23.65 11.23
N MET D 75 -21.26 24.10 11.69
CA MET D 75 -20.59 23.48 12.83
C MET D 75 -19.73 24.53 13.52
N ASP D 76 -19.77 24.55 14.84
CA ASP D 76 -18.92 25.45 15.64
C ASP D 76 -18.49 24.75 16.93
N LEU D 77 -17.58 25.37 17.67
CA LEU D 77 -17.03 24.75 18.88
C LEU D 77 -18.04 24.52 19.99
N SER D 78 -19.11 25.31 20.04
CA SER D 78 -20.18 25.14 21.05
C SER D 78 -21.01 23.89 20.77
N THR D 79 -21.22 23.61 19.49
CA THR D 79 -21.85 22.38 19.03
C THR D 79 -21.06 21.16 19.52
N VAL D 80 -19.74 21.19 19.29
CA VAL D 80 -18.85 20.10 19.69
C VAL D 80 -18.84 19.94 21.21
N LYS D 81 -18.82 21.05 21.94
CA LYS D 81 -18.90 21.02 23.40
C LYS D 81 -20.15 20.31 23.89
N ARG D 82 -21.30 20.69 23.33
CA ARG D 82 -22.55 20.05 23.73
C ARG D 82 -22.57 18.57 23.42
N LYS D 83 -22.12 18.20 22.23
CA LYS D 83 -22.05 16.78 21.87
C LYS D 83 -21.17 16.01 22.85
N MET D 84 -20.04 16.59 23.24
CA MET D 84 -19.14 15.96 24.20
C MET D 84 -19.82 15.82 25.57
N GLU D 85 -20.44 16.88 26.05
CA GLU D 85 -21.18 16.85 27.31
C GLU D 85 -22.30 15.79 27.33
N ASN D 86 -23.01 15.63 26.21
CA ASN D 86 -24.07 14.62 26.08
C ASN D 86 -23.60 13.20 25.73
N ARG D 87 -22.29 12.97 25.67
CA ARG D 87 -21.72 11.66 25.28
C ARG D 87 -22.20 11.15 23.91
N ASP D 88 -22.42 12.06 22.95
CA ASP D 88 -22.86 11.69 21.60
C ASP D 88 -21.72 11.33 20.64
N TYR D 89 -20.46 11.36 21.11
CA TYR D 89 -19.33 10.92 20.31
C TYR D 89 -19.05 9.44 20.55
N ARG D 90 -19.13 8.64 19.50
CA ARG D 90 -18.79 7.22 19.54
C ARG D 90 -17.30 7.05 19.80
N ASP D 91 -16.48 7.81 19.06
CA ASP D 91 -15.01 7.73 19.14
C ASP D 91 -14.37 9.07 18.82
N ALA D 92 -13.05 9.12 19.01
CA ALA D 92 -12.24 10.26 18.65
C ALA D 92 -12.36 10.63 17.17
N GLN D 93 -12.48 9.65 16.28
CA GLN D 93 -12.60 9.90 14.83
C GLN D 93 -13.80 10.77 14.52
N GLU D 94 -14.93 10.51 15.17
CA GLU D 94 -16.16 11.29 14.98
C GLU D 94 -15.97 12.73 15.45
N PHE D 95 -15.26 12.89 16.55
CA PHE D 95 -14.87 14.20 17.08
C PHE D 95 -14.03 14.99 16.06
N ALA D 96 -12.96 14.35 15.61
CA ALA D 96 -12.08 14.91 14.59
C ALA D 96 -12.85 15.33 13.36
N ALA D 97 -13.77 14.48 12.92
CA ALA D 97 -14.61 14.79 11.76
C ALA D 97 -15.46 16.09 11.92
N ASP D 98 -15.99 16.31 13.13
CA ASP D 98 -16.75 17.54 13.40
C ASP D 98 -15.86 18.77 13.41
N VAL D 99 -14.71 18.69 14.06
CA VAL D 99 -13.81 19.83 14.12
C VAL D 99 -13.31 20.17 12.70
N ARG D 100 -12.98 19.14 11.93
CA ARG D 100 -12.54 19.33 10.56
C ARG D 100 -13.63 19.83 9.64
N LEU D 101 -14.87 19.43 9.90
CA LEU D 101 -16.01 19.99 9.17
C LEU D 101 -16.10 21.51 9.36
N MET D 102 -15.88 21.96 10.60
CA MET D 102 -15.94 23.39 10.93
C MET D 102 -14.90 24.20 10.15
N PHE D 103 -13.67 23.67 10.09
CA PHE D 103 -12.61 24.30 9.31
C PHE D 103 -12.88 24.24 7.81
N SER D 104 -13.39 23.11 7.33
CA SER D 104 -13.72 22.97 5.91
C SER D 104 -14.83 23.93 5.47
N ASN D 105 -15.86 24.11 6.30
CA ASN D 105 -16.93 25.06 5.98
C ASN D 105 -16.34 26.45 5.76
N CYS D 106 -15.45 26.84 6.67
CA CYS D 106 -14.80 28.12 6.60
C CYS D 106 -13.97 28.27 5.31
N TYR D 107 -13.15 27.26 4.98
CA TYR D 107 -12.37 27.29 3.74
C TYR D 107 -13.24 27.25 2.51
N LYS D 108 -14.34 26.49 2.57
CA LYS D 108 -15.24 26.38 1.44
C LYS D 108 -15.88 27.70 1.08
N TYR D 109 -16.41 28.43 2.07
CA TYR D 109 -17.19 29.61 1.79
C TYR D 109 -16.32 30.80 1.39
N ASN D 110 -15.11 30.88 1.94
CA ASN D 110 -14.31 32.09 1.89
C ASN D 110 -13.21 32.04 0.82
N PRO D 111 -12.82 33.22 0.28
CA PRO D 111 -11.62 33.28 -0.53
C PRO D 111 -10.38 33.18 0.36
N PRO D 112 -9.22 32.81 -0.20
CA PRO D 112 -8.03 32.50 0.60
C PRO D 112 -7.43 33.67 1.39
N ASP D 113 -7.62 34.90 0.91
CA ASP D 113 -7.09 36.09 1.59
C ASP D 113 -7.95 36.64 2.74
N HIS D 114 -9.13 36.06 3.02
CA HIS D 114 -9.98 36.57 4.09
C HIS D 114 -9.38 36.25 5.47
N ASP D 115 -9.51 37.19 6.40
CA ASP D 115 -8.94 37.07 7.75
C ASP D 115 -9.42 35.87 8.54
N VAL D 116 -10.69 35.50 8.39
CA VAL D 116 -11.23 34.32 9.05
C VAL D 116 -10.52 33.03 8.61
N VAL D 117 -10.07 32.96 7.34
CA VAL D 117 -9.33 31.80 6.86
C VAL D 117 -7.99 31.69 7.58
N ALA D 118 -7.27 32.80 7.70
CA ALA D 118 -6.02 32.81 8.48
C ALA D 118 -6.25 32.44 9.95
N MET D 119 -7.37 32.87 10.53
CA MET D 119 -7.70 32.48 11.90
C MET D 119 -8.03 31.00 12.00
N ALA D 120 -8.80 30.48 11.03
CA ALA D 120 -9.09 29.06 10.94
C ALA D 120 -7.80 28.22 10.89
N ARG D 121 -6.85 28.67 10.07
CA ARG D 121 -5.58 27.96 9.91
C ARG D 121 -4.73 27.89 11.18
N LYS D 122 -4.69 28.97 11.94
CA LYS D 122 -3.95 28.97 13.21
C LYS D 122 -4.58 28.02 14.22
N LEU D 123 -5.91 28.07 14.33
CA LEU D 123 -6.62 27.20 15.25
C LEU D 123 -6.55 25.76 14.80
N GLN D 124 -6.63 25.50 13.51
CA GLN D 124 -6.48 24.13 13.03
C GLN D 124 -5.08 23.57 13.31
N ASP D 125 -4.04 24.40 13.28
CA ASP D 125 -2.70 23.93 13.64
C ASP D 125 -2.65 23.45 15.10
N VAL D 126 -3.35 24.16 16.00
CA VAL D 126 -3.42 23.74 17.39
C VAL D 126 -4.11 22.38 17.47
N PHE D 127 -5.25 22.28 16.79
CA PHE D 127 -6.05 21.07 16.81
C PHE D 127 -5.31 19.84 16.26
N GLU D 128 -4.81 19.97 15.03
CA GLU D 128 -4.17 18.83 14.34
C GLU D 128 -2.95 18.33 15.10
N PHE D 129 -2.18 19.24 15.69
CA PHE D 129 -1.01 18.86 16.48
C PHE D 129 -1.40 18.08 17.72
N ARG D 130 -2.35 18.59 18.51
CA ARG D 130 -2.79 17.95 19.76
CA ARG D 130 -2.73 17.92 19.76
C ARG D 130 -3.50 16.62 19.49
N TYR D 131 -4.30 16.59 18.43
CA TYR D 131 -5.00 15.36 18.03
C TYR D 131 -4.03 14.25 17.65
N ALA D 132 -2.94 14.59 16.96
CA ALA D 132 -1.91 13.65 16.58
C ALA D 132 -1.16 13.05 17.79
N LYS D 133 -1.13 13.76 18.92
CA LYS D 133 -0.50 13.25 20.15
C LYS D 133 -1.43 12.38 21.01
N MET D 134 -2.51 11.86 20.46
CA MET D 134 -3.46 11.08 21.23
C MET D 134 -2.93 9.69 21.59
N PRO D 135 -3.27 9.18 22.80
CA PRO D 135 -3.04 7.76 23.08
C PRO D 135 -3.99 6.86 22.28
CBH JFL E . 4.05 -5.49 -25.43
CBI JFL E . 2.55 -5.62 -25.65
CBJ JFL E . 2.45 -4.15 -25.22
CBG JFL E . 3.95 -4.00 -25.33
CAU JFL E . 4.61 -3.42 -24.06
NAV JFL E . 4.82 -3.98 -22.86
NAT JFL E . 5.10 -2.20 -24.08
CAS JFL E . 5.62 -1.97 -22.87
CAK JFL E . 5.43 -3.07 -22.12
CAH JFL E . 5.89 -3.17 -20.85
CAI JFL E . 5.53 -4.03 -19.89
OAG JFL E . 6.91 -2.41 -20.37
CAA JFL E . 7.16 -2.78 -19.11
CAB JFL E . 6.31 -3.79 -18.81
CAC JFL E . 6.35 -4.36 -17.57
OAM JFL E . 5.58 -5.29 -17.25
NAD JFL E . 7.24 -3.91 -16.66
CAL JFL E . 7.31 -4.52 -15.30
CAE JFL E . 8.12 -2.87 -16.99
CAF JFL E . 8.08 -2.31 -18.25
CAJ JFL E . 8.96 -1.25 -18.58
CAN JFL E . 8.91 -0.07 -17.81
CAO JFL E . 9.72 1.06 -18.08
CBK JFL E . 9.66 2.27 -17.29
CBL JFL E . 9.28 3.46 -18.16
CBM JFL E . 11.02 2.55 -16.67
OBN JFL E . 8.66 2.22 -16.25
CAP JFL E . 10.63 0.97 -19.14
CAQ JFL E . 10.69 -0.20 -19.92
CAR JFL E . 9.87 -1.28 -19.65
OAW JFL E . 9.90 -2.43 -20.38
CAX JFL E . 10.62 -2.56 -21.55
CAY JFL E . 11.79 -3.32 -21.51
CBE JFL E . 12.24 -3.89 -20.31
CAZ JFL E . 12.54 -3.47 -22.68
CBA JFL E . 12.10 -2.90 -23.86
FBD JFL E . 12.77 -3.06 -24.94
CBB JFL E . 10.92 -2.16 -23.91
CBC JFL E . 10.17 -1.97 -22.75
CBF JFL E . 9.01 -1.22 -22.83
C1 GOL F . 19.49 0.95 -5.20
O1 GOL F . 19.05 0.00 -4.20
C2 GOL F . 18.65 0.88 -6.49
O2 GOL F . 18.22 -0.47 -6.73
C3 GOL F . 17.45 1.83 -6.40
O3 GOL F . 16.44 1.49 -7.37
C FMT G . 19.43 -14.35 0.55
O1 FMT G . 19.14 -13.76 1.59
O2 FMT G . 19.85 -13.65 -0.50
C FMT H . 11.47 3.67 -2.48
O1 FMT H . 10.80 4.26 -1.62
O2 FMT H . 11.96 2.47 -2.20
C FMT I . 11.15 6.91 -17.03
O1 FMT I . 10.13 7.03 -16.37
O2 FMT I . 11.25 7.50 -18.23
C FMT J . 10.90 -5.58 -26.78
O1 FMT J . 11.04 -6.79 -26.80
O2 FMT J . 10.94 -4.89 -27.92
C FMT K . 22.40 -26.66 -0.72
O1 FMT K . 22.68 -27.41 -1.63
O2 FMT K . 22.11 -25.39 -1.01
CBH JFL L . 22.73 -32.57 -5.61
CBI JFL L . 23.32 -32.45 -4.21
CBJ JFL L . 22.36 -33.63 -3.89
CBG JFL L . 22.50 -34.05 -5.35
CAU JFL L . 21.22 -34.63 -6.02
NAV JFL L . 20.06 -34.02 -6.24
NAT JFL L . 21.19 -35.86 -6.50
CAS JFL L . 19.98 -36.06 -7.01
CAK JFL L . 19.28 -34.95 -6.84
CAH JFL L . 18.03 -34.78 -7.26
CAI JFL L . 17.15 -33.83 -6.93
OAG JFL L . 17.44 -35.59 -8.17
CAA JFL L . 16.24 -35.15 -8.38
CAB JFL L . 16.03 -34.06 -7.61
CAC JFL L . 14.85 -33.39 -7.65
OAM JFL L . 14.65 -32.39 -6.96
NAD JFL L . 13.87 -33.83 -8.46
CAL JFL L . 12.57 -33.14 -8.52
CAE JFL L . 14.08 -34.97 -9.25
CAF JFL L . 15.31 -35.63 -9.21
CAJ JFL L . 15.49 -36.79 -10.00
CAN JFL L . 14.61 -37.85 -9.81
CAO JFL L . 14.69 -39.04 -10.55
CBK JFL L . 13.85 -40.18 -10.37
CBL JFL L . 12.77 -39.95 -9.35
CBM JFL L . 14.67 -41.36 -9.85
OBN JFL L . 13.20 -40.57 -11.61
CAP JFL L . 15.70 -39.15 -11.51
CAQ JFL L . 16.58 -38.09 -11.72
CAR JFL L . 16.47 -36.91 -10.98
OAW JFL L . 17.30 -35.85 -11.13
CAX JFL L . 18.41 -35.88 -11.93
CAY JFL L . 18.33 -35.13 -13.10
CBE JFL L . 17.17 -34.43 -13.44
CAZ JFL L . 19.44 -35.10 -13.93
CBA JFL L . 20.60 -35.80 -13.58
FBD JFL L . 21.64 -35.75 -14.37
CBB JFL L . 20.66 -36.54 -12.41
CBC JFL L . 19.57 -36.59 -11.56
CBF JFL L . 19.69 -37.35 -10.40
C1 GOL M . 6.14 -38.45 -2.49
O1 GOL M . 4.90 -37.96 -1.96
C2 GOL M . 7.33 -38.70 -1.54
O2 GOL M . 7.04 -39.84 -0.73
C3 GOL M . 8.65 -38.96 -2.30
O3 GOL M . 9.35 -37.80 -2.82
C1 GOL N . 20.56 -29.46 0.79
O1 GOL N . 20.40 -28.49 1.84
C2 GOL N . 21.59 -30.55 1.11
O2 GOL N . 22.89 -29.98 1.34
C3 GOL N . 21.71 -31.55 -0.04
O3 GOL N . 22.30 -32.77 0.45
C FMT O . 23.68 -33.22 -12.95
O1 FMT O . 23.52 -32.07 -12.55
O2 FMT O . 24.63 -33.99 -12.42
C FMT P . 4.74 -36.82 2.74
O1 FMT P . 5.05 -37.71 1.96
O2 FMT P . 3.49 -36.37 2.77
C FMT Q . -0.87 -11.43 -24.95
O1 FMT Q . -1.66 -11.79 -24.10
O2 FMT Q . -0.44 -10.16 -24.93
C FMT R . 18.89 -25.11 2.62
O1 FMT R . 18.60 -26.25 2.28
O2 FMT R . 18.03 -24.42 3.38
CBH JFL S . 12.95 15.39 16.15
CBI JFL S . 12.23 14.13 16.65
CBJ JFL S . 13.59 13.42 16.43
CBG JFL S . 14.07 14.55 15.53
CAU JFL S . 13.89 14.28 13.99
NAV JFL S . 12.76 14.33 13.29
NAT JFL S . 14.91 13.99 13.18
CAS JFL S . 14.40 13.84 11.97
CAK JFL S . 13.07 14.02 12.04
CAH JFL S . 12.23 14.00 10.98
CAI JFL S . 10.89 13.92 10.97
OAG JFL S . 12.65 14.18 9.74
CAA JFL S . 11.59 14.16 8.93
CAB JFL S . 10.48 14.00 9.70
CAC JFL S . 9.24 13.96 9.13
OAM JFL S . 8.22 13.81 9.80
NAD JFL S . 9.11 14.07 7.78
CAL JFL S . 7.78 14.03 7.11
CAE JFL S . 10.26 14.24 6.99
CAF JFL S . 11.51 14.30 7.60
CAJ JFL S . 12.66 14.43 6.77
CAN JFL S . 12.89 13.45 5.80
CAO JFL S . 14.00 13.50 4.93
CBK JFL S . 14.24 12.49 3.94
CBL JFL S . 15.55 11.75 4.17
CBM JFL S . 14.26 13.13 2.54
OBN JFL S . 13.27 11.46 3.95
CAP JFL S . 14.88 14.58 5.07
CAQ JFL S . 14.69 15.56 6.04
CAR JFL S . 13.58 15.50 6.90
OAW JFL S . 13.29 16.42 7.88
CAX JFL S . 14.04 17.52 8.12
CAY JFL S . 13.59 18.75 7.65
CBE JFL S . 12.42 18.84 6.90
CAZ JFL S . 14.36 19.89 7.92
CBA JFL S . 15.52 19.78 8.66
FBD JFL S . 16.17 20.78 8.89
CBB JFL S . 15.97 18.56 9.14
CBC JFL S . 15.22 17.41 8.88
CBF JFL S . 15.66 16.18 9.38
C1 GOL T . 9.04 7.52 -7.21
O1 GOL T . 8.53 7.84 -5.91
C2 GOL T . 7.96 7.48 -8.29
O2 GOL T . 8.35 6.49 -9.27
C3 GOL T . 6.55 7.18 -7.77
O3 GOL T . 5.67 8.31 -7.66
C FMT U . 15.22 21.51 12.29
O1 FMT U . 16.37 21.12 12.41
O2 FMT U . 14.51 21.83 13.38
C FMT V . 7.43 13.00 -5.59
O1 FMT V . 7.38 13.89 -6.44
O2 FMT V . 6.32 12.37 -5.20
C FMT W . -15.37 31.48 -3.12
O1 FMT W . -14.69 30.53 -3.51
O2 FMT W . -14.77 32.63 -2.81
C FMT X . 10.71 11.29 19.48
O1 FMT X . 11.60 10.57 19.04
O2 FMT X . 9.43 11.00 19.19
CBH JFL Y . -16.57 38.19 2.01
CBI JFL Y . -16.02 37.42 0.83
CBJ JFL Y . -16.36 36.16 1.66
CBG JFL Y . -17.39 37.01 2.38
CAU JFL Y . -17.52 36.82 3.93
NAV JFL Y . -17.21 35.73 4.63
NAT JFL Y . -18.10 37.71 4.72
CAS JFL Y . -18.12 37.19 5.95
CAK JFL Y . -17.58 35.97 5.90
CAH JFL Y . -17.42 35.13 6.96
CAI JFL Y . -17.16 33.82 6.96
OAG JFL Y . -17.53 35.51 8.23
CAA JFL Y . -17.31 34.49 9.01
CAB JFL Y . -17.07 33.41 8.23
CAC JFL Y . -16.81 32.20 8.79
OAM JFL Y . -16.58 31.17 8.13
NAD JFL Y . -16.79 32.08 10.14
CAL JFL Y . -16.50 30.78 10.78
CAE JFL Y . -17.04 33.20 10.95
CAF JFL Y . -17.30 34.42 10.35
CAJ JFL Y . -17.55 35.53 11.17
CAN JFL Y . -18.65 35.48 12.05
CAO JFL Y . -18.99 36.55 12.90
CBK JFL Y . -20.12 36.53 13.79
CBL JFL Y . -21.13 37.65 13.44
CBM JFL Y . -19.67 36.71 15.23
OBN JFL Y . -20.87 35.32 13.74
CAP JFL Y . -18.17 37.69 12.85
CAQ JFL Y . -17.08 37.75 12.00
CAR JFL Y . -16.76 36.69 11.16
OAW JFL Y . -15.68 36.70 10.28
CAX JFL Y . -14.91 37.81 10.07
CAY JFL Y . -15.38 38.84 9.24
CBE JFL Y . -16.61 38.75 8.61
CAZ JFL Y . -14.58 39.95 9.01
CBA JFL Y . -13.34 40.05 9.61
FBD JFL Y . -12.62 41.10 9.39
CBB JFL Y . -12.87 39.03 10.45
CBC JFL Y . -13.67 37.90 10.68
CBF JFL Y . -13.23 36.87 11.52
C1 GOL Z . -25.27 41.01 15.16
O1 GOL Z . -26.27 41.77 15.86
C2 GOL Z . -24.01 40.74 16.00
O2 GOL Z . -22.87 41.20 15.28
C3 GOL Z . -23.83 39.25 16.30
O3 GOL Z . -22.88 39.08 17.36
C1 GOL AA . -10.78 43.03 5.96
O1 GOL AA . -9.91 43.60 4.96
C2 GOL AA . -11.71 41.99 5.34
O2 GOL AA . -13.08 42.34 5.59
C3 GOL AA . -11.45 40.60 5.93
O3 GOL AA . -10.15 40.12 5.62
C FMT BA . 7.78 13.87 21.05
O1 FMT BA . 8.71 14.37 20.45
O2 FMT BA . 6.59 14.46 21.04
C FMT CA . -18.85 34.03 -2.19
O1 FMT CA . -18.88 32.94 -1.65
O2 FMT CA . -19.71 34.97 -1.80
#